data_3UKW
#
_entry.id   3UKW
#
_cell.length_a   78.561
_cell.length_b   89.493
_cell.length_c   99.900
_cell.angle_alpha   90.00
_cell.angle_beta   90.00
_cell.angle_gamma   90.00
#
_symmetry.space_group_name_H-M   'P 21 21 21'
#
loop_
_entity.id
_entity.type
_entity.pdbx_description
1 polymer 'Importin subunit alpha-2'
2 polymer 'Bimax1 peptide'
3 non-polymer 2-[BIS-(2-HYDROXY-ETHYL)-AMINO]-2-HYDROXYMETHYL-PROPANE-1,3-DIOL
4 water water
#
loop_
_entity_poly.entity_id
_entity_poly.type
_entity_poly.pdbx_seq_one_letter_code
_entity_poly.pdbx_strand_id
1 'polypeptide(L)'
;MHHHHHHSSGLVPRGSGMLETAAALFERNHMDSPDLGTDDDDLAMADIGSNQGTVNWSVEDIVKGINSNNLESQLQATQA
ARKLLSREKQPPIDNIIRAGLIPKFVSFLGKTDCSPIQFESAWALTNIASGTSEQTKAVVDGGAIPAFISLLASPHAHIS
EQAVWALGNIAGDGSAFRDLVIKHGAIDPLLALLAVPDLSTLACGYLRNLTWTLSNLCRNKNPAPPLDAVEQILPTLVRL
LHHNDPEVLADSCWAISYLTDGPNERIEMVVKKGVVPQLVKLLGATELPIVTPALRAIGNIVTGTDEQTQKVIDAGALAV
FPSLLTNPKTNIQKEATWTMSNITAGRQDQIQQVVNHGLVPFLVGVLSKADFKTQKEAAWAITNYTSGGTVEQIVYLVHC
GIIEPLMNLLSAKDTKIIQVILDAISNIFQAAEKLGETEKLSIMIEECGGLDKIEALQRHENESVYKASLNLIEKYFSVE
EEEDQNVVPETTSEGFAFQVQDGAPGTFNF
;
B
2 'polypeptide(L)' GSRRRRPRKRPLEWDEDEEPPRKRKRLW C
#
# COMPACT_ATOMS: atom_id res chain seq x y z
N GLY A 53 5.33 -42.77 -0.66
CA GLY A 53 5.25 -43.30 -2.01
C GLY A 53 4.51 -42.38 -2.97
N THR A 54 4.11 -41.21 -2.47
CA THR A 54 3.46 -40.21 -3.31
C THR A 54 4.45 -39.14 -3.76
N VAL A 55 5.73 -39.44 -3.64
CA VAL A 55 6.77 -38.50 -4.04
C VAL A 55 7.23 -38.71 -5.49
N ASN A 56 7.27 -37.61 -6.23
CA ASN A 56 7.81 -37.62 -7.58
C ASN A 56 7.06 -38.53 -8.57
N TRP A 57 5.74 -38.45 -8.57
CA TRP A 57 4.94 -39.14 -9.57
C TRP A 57 4.97 -38.38 -10.89
N SER A 58 4.73 -39.09 -11.99
CA SER A 58 4.48 -38.44 -13.27
C SER A 58 3.03 -37.96 -13.28
N VAL A 59 2.74 -37.01 -14.16
CA VAL A 59 1.37 -36.55 -14.32
C VAL A 59 0.50 -37.69 -14.83
N GLU A 60 1.11 -38.56 -15.62
CA GLU A 60 0.41 -39.72 -16.17
C GLU A 60 -0.05 -40.67 -15.06
N ASP A 61 0.83 -40.93 -14.10
CA ASP A 61 0.48 -41.76 -12.95
C ASP A 61 -0.66 -41.13 -12.16
N ILE A 62 -0.58 -39.82 -11.96
CA ILE A 62 -1.60 -39.10 -11.21
C ILE A 62 -2.95 -39.23 -11.89
N VAL A 63 -2.96 -39.07 -13.20
CA VAL A 63 -4.21 -39.21 -13.97
C VAL A 63 -4.79 -40.61 -13.83
N LYS A 64 -3.92 -41.62 -13.85
CA LYS A 64 -4.35 -43.00 -13.75
C LYS A 64 -5.03 -43.25 -12.40
N GLY A 65 -4.42 -42.77 -11.33
CA GLY A 65 -4.96 -42.94 -9.99
C GLY A 65 -6.28 -42.23 -9.79
N ILE A 66 -6.36 -41.01 -10.29
CA ILE A 66 -7.59 -40.22 -10.16
C ILE A 66 -8.75 -40.79 -10.97
N ASN A 67 -8.44 -41.41 -12.11
CA ASN A 67 -9.46 -42.04 -12.94
C ASN A 67 -9.85 -43.44 -12.52
N SER A 68 -9.22 -43.96 -11.48
CA SER A 68 -9.46 -45.33 -11.03
C SER A 68 -10.83 -45.55 -10.38
N ASN A 69 -11.45 -44.49 -9.89
CA ASN A 69 -12.68 -44.62 -9.12
C ASN A 69 -12.53 -45.50 -7.88
N ASN A 70 -11.30 -45.68 -7.43
CA ASN A 70 -11.02 -46.21 -6.09
C ASN A 70 -10.64 -45.01 -5.23
N LEU A 71 -11.53 -44.63 -4.31
CA LEU A 71 -11.33 -43.44 -3.49
C LEU A 71 -9.94 -43.34 -2.87
N GLU A 72 -9.44 -44.45 -2.32
CA GLU A 72 -8.10 -44.46 -1.74
C GLU A 72 -7.03 -44.23 -2.80
N SER A 73 -7.22 -44.83 -3.98
CA SER A 73 -6.31 -44.60 -5.09
C SER A 73 -6.35 -43.13 -5.50
N GLN A 74 -7.55 -42.58 -5.51
CA GLN A 74 -7.73 -41.16 -5.86
C GLN A 74 -7.04 -40.25 -4.85
N LEU A 75 -7.14 -40.63 -3.57
CA LEU A 75 -6.52 -39.86 -2.49
C LEU A 75 -4.99 -39.83 -2.64
N GLN A 76 -4.41 -41.00 -2.88
CA GLN A 76 -2.96 -41.10 -3.05
C GLN A 76 -2.46 -40.31 -4.26
N ALA A 77 -3.21 -40.39 -5.36
CA ALA A 77 -2.84 -39.65 -6.56
C ALA A 77 -2.98 -38.14 -6.37
N THR A 78 -4.01 -37.74 -5.61
CA THR A 78 -4.24 -36.32 -5.35
C THR A 78 -3.11 -35.77 -4.46
N GLN A 79 -2.73 -36.53 -3.46
CA GLN A 79 -1.61 -36.16 -2.61
C GLN A 79 -0.32 -36.03 -3.42
N ALA A 80 -0.10 -36.95 -4.36
CA ALA A 80 1.07 -36.86 -5.23
C ALA A 80 1.03 -35.58 -6.07
N ALA A 81 -0.17 -35.23 -6.55
CA ALA A 81 -0.34 -33.98 -7.29
C ALA A 81 0.01 -32.80 -6.40
N ARG A 82 -0.50 -32.81 -5.17
CA ARG A 82 -0.22 -31.74 -4.22
C ARG A 82 1.28 -31.55 -4.02
N LYS A 83 2.02 -32.65 -3.94
CA LYS A 83 3.46 -32.57 -3.72
C LYS A 83 4.20 -32.04 -4.95
N LEU A 84 3.82 -32.51 -6.13
CA LEU A 84 4.34 -31.94 -7.37
C LEU A 84 4.12 -30.43 -7.42
N LEU A 85 2.89 -30.02 -7.09
CA LEU A 85 2.50 -28.62 -7.20
C LEU A 85 3.12 -27.77 -6.09
N SER A 86 3.73 -28.43 -5.11
CA SER A 86 4.30 -27.73 -3.96
C SER A 86 5.78 -27.40 -4.12
N ARG A 87 6.39 -27.85 -5.21
CA ARG A 87 7.83 -27.58 -5.40
C ARG A 87 8.08 -26.17 -5.91
N GLU A 88 9.11 -25.53 -5.37
CA GLU A 88 9.40 -24.13 -5.64
C GLU A 88 9.78 -23.88 -7.11
N LYS A 89 10.41 -24.86 -7.73
CA LYS A 89 10.91 -24.69 -9.08
C LYS A 89 10.04 -25.37 -10.13
N GLN A 90 9.41 -24.56 -10.97
CA GLN A 90 8.70 -25.05 -12.15
C GLN A 90 7.77 -26.23 -11.88
N PRO A 91 6.82 -26.06 -10.95
CA PRO A 91 5.80 -27.10 -10.79
C PRO A 91 5.03 -27.24 -12.10
N PRO A 92 4.63 -28.47 -12.45
CA PRO A 92 3.98 -28.71 -13.74
C PRO A 92 2.51 -28.29 -13.72
N ILE A 93 2.26 -27.00 -13.49
CA ILE A 93 0.88 -26.51 -13.37
C ILE A 93 0.07 -26.69 -14.65
N ASP A 94 0.63 -26.25 -15.78
CA ASP A 94 -0.07 -26.33 -17.05
C ASP A 94 -0.33 -27.78 -17.46
N ASN A 95 0.60 -28.66 -17.15
CA ASN A 95 0.43 -30.09 -17.45
C ASN A 95 -0.71 -30.70 -16.64
N ILE A 96 -0.81 -30.29 -15.38
CA ILE A 96 -1.94 -30.71 -14.54
C ILE A 96 -3.24 -30.18 -15.13
N ILE A 97 -3.26 -28.92 -15.53
CA ILE A 97 -4.46 -28.35 -16.13
C ILE A 97 -4.87 -29.07 -17.42
N ARG A 98 -3.91 -29.24 -18.34
CA ARG A 98 -4.18 -29.91 -19.60
C ARG A 98 -4.73 -31.32 -19.43
N ALA A 99 -4.26 -32.02 -18.40
CA ALA A 99 -4.72 -33.38 -18.13
C ALA A 99 -6.19 -33.42 -17.70
N GLY A 100 -6.77 -32.24 -17.52
CA GLY A 100 -8.16 -32.13 -17.14
C GLY A 100 -8.46 -32.46 -15.69
N LEU A 101 -7.47 -32.26 -14.82
CA LEU A 101 -7.58 -32.67 -13.42
C LEU A 101 -8.38 -31.72 -12.52
N ILE A 102 -8.54 -30.48 -12.95
CA ILE A 102 -9.17 -29.48 -12.09
C ILE A 102 -10.60 -29.85 -11.65
N PRO A 103 -11.46 -30.22 -12.61
CA PRO A 103 -12.82 -30.62 -12.25
C PRO A 103 -12.85 -31.75 -11.24
N LYS A 104 -11.90 -32.69 -11.35
CA LYS A 104 -11.79 -33.79 -10.40
C LYS A 104 -11.45 -33.28 -9.01
N PHE A 105 -10.41 -32.45 -8.92
CA PHE A 105 -10.03 -31.86 -7.64
C PHE A 105 -11.20 -31.11 -7.02
N VAL A 106 -11.92 -30.33 -7.83
CA VAL A 106 -13.06 -29.58 -7.32
C VAL A 106 -14.12 -30.52 -6.77
N SER A 107 -14.38 -31.60 -7.48
CA SER A 107 -15.33 -32.61 -7.02
C SER A 107 -14.90 -33.17 -5.66
N PHE A 108 -13.60 -33.41 -5.50
CA PHE A 108 -13.09 -33.98 -4.26
C PHE A 108 -13.29 -33.04 -3.07
N LEU A 109 -13.41 -31.73 -3.33
CA LEU A 109 -13.64 -30.77 -2.26
C LEU A 109 -14.97 -31.03 -1.56
N GLY A 110 -15.91 -31.64 -2.28
CA GLY A 110 -17.23 -31.91 -1.74
C GLY A 110 -17.36 -33.25 -1.04
N LYS A 111 -16.25 -33.98 -0.92
CA LYS A 111 -16.30 -35.30 -0.28
C LYS A 111 -16.18 -35.22 1.24
N THR A 112 -17.28 -34.81 1.88
CA THR A 112 -17.32 -34.64 3.32
C THR A 112 -17.00 -35.94 4.07
N ASP A 113 -17.17 -37.07 3.39
CA ASP A 113 -16.89 -38.37 3.99
C ASP A 113 -15.40 -38.77 3.91
N CYS A 114 -14.60 -37.97 3.20
CA CYS A 114 -13.16 -38.23 3.12
C CYS A 114 -12.37 -36.93 3.26
N SER A 115 -12.23 -36.46 4.50
CA SER A 115 -11.59 -35.18 4.77
C SER A 115 -10.18 -35.07 4.18
N PRO A 116 -9.41 -36.17 4.23
CA PRO A 116 -8.06 -36.12 3.68
C PRO A 116 -8.02 -35.75 2.19
N ILE A 117 -8.95 -36.24 1.39
CA ILE A 117 -8.95 -35.88 -0.03
C ILE A 117 -9.47 -34.46 -0.23
N GLN A 118 -10.31 -34.01 0.69
CA GLN A 118 -10.72 -32.60 0.70
C GLN A 118 -9.50 -31.72 0.90
N PHE A 119 -8.69 -32.06 1.90
CA PHE A 119 -7.50 -31.28 2.22
C PHE A 119 -6.48 -31.31 1.09
N GLU A 120 -6.18 -32.51 0.59
CA GLU A 120 -5.20 -32.65 -0.49
C GLU A 120 -5.61 -31.91 -1.76
N SER A 121 -6.90 -31.97 -2.10
CA SER A 121 -7.37 -31.28 -3.31
C SER A 121 -7.42 -29.77 -3.11
N ALA A 122 -7.78 -29.33 -1.90
CA ALA A 122 -7.77 -27.91 -1.56
C ALA A 122 -6.37 -27.32 -1.73
N TRP A 123 -5.38 -28.05 -1.21
CA TRP A 123 -3.99 -27.64 -1.30
C TRP A 123 -3.52 -27.62 -2.76
N ALA A 124 -3.83 -28.69 -3.50
CA ALA A 124 -3.47 -28.76 -4.92
C ALA A 124 -4.07 -27.59 -5.71
N LEU A 125 -5.35 -27.33 -5.50
CA LEU A 125 -6.03 -26.24 -6.20
C LEU A 125 -5.48 -24.88 -5.78
N THR A 126 -5.14 -24.75 -4.50
CA THR A 126 -4.56 -23.51 -4.00
C THR A 126 -3.31 -23.16 -4.81
N ASN A 127 -2.47 -24.16 -5.05
CA ASN A 127 -1.19 -23.92 -5.72
C ASN A 127 -1.33 -23.68 -7.23
N ILE A 128 -2.36 -24.26 -7.84
CA ILE A 128 -2.67 -23.92 -9.21
C ILE A 128 -3.14 -22.47 -9.28
N ALA A 129 -3.98 -22.09 -8.32
CA ALA A 129 -4.54 -20.73 -8.30
C ALA A 129 -3.49 -19.68 -7.93
N SER A 130 -2.34 -20.13 -7.44
CA SER A 130 -1.26 -19.21 -7.07
C SER A 130 -0.43 -18.77 -8.27
N GLY A 131 -0.75 -19.32 -9.44
CA GLY A 131 0.04 -19.06 -10.64
C GLY A 131 -0.38 -17.81 -11.39
N THR A 132 -0.32 -17.88 -12.72
CA THR A 132 -0.72 -16.77 -13.57
C THR A 132 -2.24 -16.59 -13.54
N SER A 133 -2.73 -15.47 -14.08
CA SER A 133 -4.16 -15.22 -14.18
C SER A 133 -4.87 -16.36 -14.90
N GLU A 134 -4.24 -16.85 -15.96
CA GLU A 134 -4.80 -17.94 -16.74
C GLU A 134 -4.94 -19.20 -15.89
N GLN A 135 -3.97 -19.44 -15.03
CA GLN A 135 -4.00 -20.61 -14.15
C GLN A 135 -5.04 -20.43 -13.03
N THR A 136 -5.12 -19.23 -12.46
CA THR A 136 -6.18 -18.92 -11.51
C THR A 136 -7.56 -19.06 -12.17
N LYS A 137 -7.67 -18.59 -13.41
CA LYS A 137 -8.91 -18.70 -14.16
C LYS A 137 -9.35 -20.15 -14.35
N ALA A 138 -8.40 -21.04 -14.65
CA ALA A 138 -8.73 -22.45 -14.82
C ALA A 138 -9.36 -23.01 -13.54
N VAL A 139 -8.86 -22.58 -12.39
CA VAL A 139 -9.44 -23.00 -11.12
C VAL A 139 -10.87 -22.47 -10.96
N VAL A 140 -11.05 -21.17 -11.22
CA VAL A 140 -12.38 -20.57 -11.14
C VAL A 140 -13.34 -21.21 -12.13
N ASP A 141 -12.87 -21.44 -13.36
CA ASP A 141 -13.68 -22.07 -14.39
C ASP A 141 -14.16 -23.45 -13.99
N GLY A 142 -13.41 -24.12 -13.12
CA GLY A 142 -13.76 -25.45 -12.65
C GLY A 142 -14.79 -25.47 -11.54
N GLY A 143 -15.32 -24.29 -11.20
CA GLY A 143 -16.34 -24.20 -10.16
C GLY A 143 -15.80 -24.19 -8.74
N ALA A 144 -14.52 -23.89 -8.60
CA ALA A 144 -13.87 -23.93 -7.29
C ALA A 144 -14.43 -22.94 -6.25
N ILE A 145 -14.93 -21.79 -6.71
CA ILE A 145 -15.30 -20.73 -5.76
C ILE A 145 -16.37 -21.15 -4.74
N PRO A 146 -17.55 -21.59 -5.23
CA PRO A 146 -18.57 -22.02 -4.26
C PRO A 146 -18.12 -23.23 -3.46
N ALA A 147 -17.29 -24.09 -4.06
CA ALA A 147 -16.80 -25.26 -3.35
C ALA A 147 -15.89 -24.88 -2.18
N PHE A 148 -14.98 -23.92 -2.42
CA PHE A 148 -14.12 -23.44 -1.34
C PHE A 148 -14.93 -22.72 -0.25
N ILE A 149 -15.91 -21.94 -0.67
CA ILE A 149 -16.74 -21.22 0.30
C ILE A 149 -17.47 -22.19 1.21
N SER A 150 -17.99 -23.29 0.65
CA SER A 150 -18.61 -24.33 1.46
C SER A 150 -17.62 -24.94 2.44
N LEU A 151 -16.37 -25.08 2.02
CA LEU A 151 -15.33 -25.67 2.87
C LEU A 151 -15.00 -24.81 4.08
N LEU A 152 -15.33 -23.53 4.02
CA LEU A 152 -15.10 -22.64 5.16
C LEU A 152 -15.84 -23.13 6.40
N ALA A 153 -16.86 -23.95 6.18
CA ALA A 153 -17.68 -24.48 7.27
C ALA A 153 -17.16 -25.82 7.81
N SER A 154 -16.06 -26.30 7.25
CA SER A 154 -15.52 -27.59 7.68
C SER A 154 -15.16 -27.60 9.16
N PRO A 155 -15.47 -28.71 9.85
CA PRO A 155 -15.10 -28.85 11.26
C PRO A 155 -13.60 -29.03 11.41
N HIS A 156 -12.90 -29.28 10.30
CA HIS A 156 -11.45 -29.47 10.34
C HIS A 156 -10.72 -28.16 10.06
N ALA A 157 -10.01 -27.67 11.07
CA ALA A 157 -9.33 -26.38 10.98
C ALA A 157 -8.36 -26.32 9.82
N HIS A 158 -7.57 -27.37 9.63
CA HIS A 158 -6.59 -27.37 8.56
C HIS A 158 -7.26 -27.31 7.18
N ILE A 159 -8.51 -27.75 7.11
CA ILE A 159 -9.25 -27.73 5.85
C ILE A 159 -9.90 -26.37 5.58
N SER A 160 -10.56 -25.81 6.58
CA SER A 160 -11.14 -24.48 6.42
C SER A 160 -10.03 -23.47 6.11
N GLU A 161 -8.90 -23.62 6.79
CA GLU A 161 -7.75 -22.75 6.55
C GLU A 161 -7.30 -22.79 5.09
N GLN A 162 -7.24 -24.00 4.52
CA GLN A 162 -6.80 -24.15 3.15
C GLN A 162 -7.78 -23.48 2.19
N ALA A 163 -9.06 -23.54 2.51
CA ALA A 163 -10.09 -22.86 1.72
C ALA A 163 -9.93 -21.34 1.79
N VAL A 164 -9.63 -20.84 2.99
CA VAL A 164 -9.34 -19.42 3.18
C VAL A 164 -8.19 -18.99 2.26
N TRP A 165 -7.14 -19.80 2.27
CA TRP A 165 -5.93 -19.53 1.51
C TRP A 165 -6.24 -19.49 0.01
N ALA A 166 -6.89 -20.53 -0.48
CA ALA A 166 -7.27 -20.60 -1.90
C ALA A 166 -8.11 -19.38 -2.32
N LEU A 167 -9.07 -19.00 -1.49
CA LEU A 167 -9.93 -17.85 -1.82
C LEU A 167 -9.11 -16.56 -1.86
N GLY A 168 -8.06 -16.50 -1.06
CA GLY A 168 -7.15 -15.36 -1.07
C GLY A 168 -6.39 -15.26 -2.38
N ASN A 169 -5.96 -16.42 -2.91
CA ASN A 169 -5.28 -16.44 -4.21
C ASN A 169 -6.19 -16.00 -5.34
N ILE A 170 -7.43 -16.46 -5.31
CA ILE A 170 -8.40 -16.11 -6.34
C ILE A 170 -8.71 -14.61 -6.30
N ALA A 171 -9.05 -14.10 -5.12
CA ALA A 171 -9.34 -12.67 -4.98
C ALA A 171 -8.12 -11.83 -5.32
N GLY A 172 -6.93 -12.35 -4.99
CA GLY A 172 -5.68 -11.67 -5.28
C GLY A 172 -5.36 -11.50 -6.75
N ASP A 173 -6.08 -12.20 -7.62
CA ASP A 173 -5.83 -12.07 -9.05
C ASP A 173 -6.20 -10.68 -9.58
N GLY A 174 -7.17 -10.03 -8.96
CA GLY A 174 -7.67 -8.78 -9.47
C GLY A 174 -9.11 -8.51 -9.07
N SER A 175 -9.63 -7.37 -9.50
CA SER A 175 -10.94 -6.92 -9.04
C SER A 175 -12.10 -7.80 -9.52
N ALA A 176 -11.98 -8.36 -10.72
CA ALA A 176 -13.05 -9.21 -11.24
C ALA A 176 -13.25 -10.46 -10.39
N PHE A 177 -12.17 -11.21 -10.16
CA PHE A 177 -12.25 -12.42 -9.34
C PHE A 177 -12.52 -12.07 -7.86
N ARG A 178 -11.99 -10.95 -7.39
CA ARG A 178 -12.29 -10.46 -6.05
C ARG A 178 -13.80 -10.29 -5.89
N ASP A 179 -14.40 -9.55 -6.81
CA ASP A 179 -15.83 -9.29 -6.76
C ASP A 179 -16.65 -10.56 -7.00
N LEU A 180 -16.12 -11.49 -7.79
CA LEU A 180 -16.82 -12.76 -8.01
C LEU A 180 -16.83 -13.61 -6.73
N VAL A 181 -15.71 -13.61 -6.00
CA VAL A 181 -15.67 -14.29 -4.71
C VAL A 181 -16.69 -13.68 -3.74
N ILE A 182 -16.77 -12.34 -3.73
CA ILE A 182 -17.73 -11.66 -2.87
C ILE A 182 -19.18 -12.00 -3.25
N LYS A 183 -19.47 -12.03 -4.55
CA LYS A 183 -20.81 -12.35 -5.02
C LYS A 183 -21.24 -13.77 -4.62
N HIS A 184 -20.29 -14.70 -4.56
CA HIS A 184 -20.59 -16.08 -4.17
C HIS A 184 -20.83 -16.16 -2.66
N GLY A 185 -20.66 -15.05 -1.96
CA GLY A 185 -20.98 -14.97 -0.54
C GLY A 185 -19.88 -15.38 0.42
N ALA A 186 -18.62 -15.10 0.07
CA ALA A 186 -17.50 -15.54 0.89
C ALA A 186 -17.33 -14.75 2.20
N ILE A 187 -17.76 -13.50 2.23
CA ILE A 187 -17.47 -12.64 3.37
C ILE A 187 -18.09 -13.10 4.70
N ASP A 188 -19.36 -13.46 4.68
CA ASP A 188 -20.03 -13.90 5.91
C ASP A 188 -19.29 -15.05 6.60
N PRO A 189 -19.11 -16.17 5.90
CA PRO A 189 -18.42 -17.31 6.52
C PRO A 189 -16.96 -17.01 6.88
N LEU A 190 -16.29 -16.16 6.10
CA LEU A 190 -14.93 -15.76 6.46
C LEU A 190 -14.94 -15.01 7.79
N LEU A 191 -15.81 -14.00 7.90
CA LEU A 191 -15.90 -13.21 9.12
C LEU A 191 -16.34 -14.05 10.31
N ALA A 192 -17.18 -15.05 10.06
CA ALA A 192 -17.66 -15.93 11.13
C ALA A 192 -16.50 -16.68 11.79
N LEU A 193 -15.47 -17.00 11.01
CA LEU A 193 -14.31 -17.71 11.55
C LEU A 193 -13.57 -16.85 12.58
N LEU A 194 -13.78 -15.55 12.52
CA LEU A 194 -13.11 -14.63 13.45
C LEU A 194 -14.02 -14.20 14.61
N ALA A 195 -15.23 -14.75 14.65
CA ALA A 195 -16.17 -14.35 15.68
C ALA A 195 -15.94 -15.13 16.97
N VAL A 196 -14.88 -14.77 17.67
CA VAL A 196 -14.54 -15.39 18.95
C VAL A 196 -14.27 -14.28 19.94
N PRO A 197 -14.44 -14.56 21.24
CA PRO A 197 -14.21 -13.51 22.24
C PRO A 197 -12.80 -12.92 22.17
N ASP A 198 -11.79 -13.77 21.93
CA ASP A 198 -10.41 -13.32 21.95
C ASP A 198 -9.60 -13.92 20.82
N LEU A 199 -9.13 -13.05 19.90
CA LEU A 199 -8.39 -13.51 18.74
C LEU A 199 -7.20 -14.39 19.12
N SER A 200 -6.68 -14.20 20.33
CA SER A 200 -5.50 -14.92 20.78
C SER A 200 -5.71 -16.43 20.92
N THR A 201 -6.97 -16.87 20.93
CA THR A 201 -7.25 -18.30 21.07
C THR A 201 -7.09 -19.03 19.73
N LEU A 202 -7.08 -18.29 18.64
CA LEU A 202 -6.90 -18.88 17.31
C LEU A 202 -5.43 -19.21 17.06
N ALA A 203 -5.18 -20.29 16.33
CA ALA A 203 -3.81 -20.61 15.94
C ALA A 203 -3.22 -19.45 15.16
N CYS A 204 -1.95 -19.15 15.41
CA CYS A 204 -1.28 -18.00 14.79
C CYS A 204 -1.32 -18.05 13.26
N GLY A 205 -0.88 -19.16 12.69
CA GLY A 205 -0.89 -19.31 11.24
C GLY A 205 -2.28 -19.17 10.65
N TYR A 206 -3.26 -19.71 11.37
CA TYR A 206 -4.66 -19.65 10.94
C TYR A 206 -5.15 -18.19 10.84
N LEU A 207 -4.95 -17.43 11.90
CA LEU A 207 -5.36 -16.01 11.91
C LEU A 207 -4.62 -15.19 10.85
N ARG A 208 -3.34 -15.50 10.63
CA ARG A 208 -2.56 -14.80 9.62
C ARG A 208 -3.11 -15.03 8.21
N ASN A 209 -3.44 -16.28 7.91
CA ASN A 209 -4.04 -16.62 6.62
C ASN A 209 -5.37 -15.91 6.39
N LEU A 210 -6.22 -15.90 7.42
CA LEU A 210 -7.50 -15.21 7.37
C LEU A 210 -7.32 -13.71 7.12
N THR A 211 -6.44 -13.08 7.89
CA THR A 211 -6.18 -11.66 7.77
C THR A 211 -5.71 -11.31 6.36
N TRP A 212 -4.79 -12.12 5.83
CA TRP A 212 -4.26 -11.90 4.48
C TRP A 212 -5.38 -11.98 3.43
N THR A 213 -6.19 -13.02 3.51
CA THR A 213 -7.27 -13.18 2.55
C THR A 213 -8.27 -12.02 2.63
N LEU A 214 -8.60 -11.59 3.84
CA LEU A 214 -9.46 -10.42 4.01
C LEU A 214 -8.84 -9.18 3.37
N SER A 215 -7.53 -9.03 3.50
CA SER A 215 -6.85 -7.86 2.93
C SER A 215 -6.93 -7.89 1.40
N ASN A 216 -6.82 -9.06 0.80
CA ASN A 216 -6.99 -9.18 -0.65
C ASN A 216 -8.40 -8.85 -1.12
N LEU A 217 -9.38 -9.06 -0.24
CA LEU A 217 -10.76 -8.70 -0.56
C LEU A 217 -10.97 -7.19 -0.50
N CYS A 218 -10.04 -6.50 0.15
CA CYS A 218 -10.07 -5.03 0.20
C CYS A 218 -9.19 -4.42 -0.88
N ARG A 219 -8.50 -5.29 -1.64
CA ARG A 219 -7.44 -4.85 -2.55
C ARG A 219 -7.92 -4.51 -3.95
N ASN A 220 -7.15 -3.66 -4.64
CA ASN A 220 -7.37 -3.35 -6.05
C ASN A 220 -8.43 -2.30 -6.34
N LYS A 221 -8.35 -1.74 -7.54
CA LYS A 221 -9.18 -0.61 -7.96
C LYS A 221 -9.67 -0.83 -9.37
N ASN A 222 -10.52 0.08 -9.83
CA ASN A 222 -11.07 -0.02 -11.17
C ASN A 222 -11.74 -1.37 -11.41
N PRO A 223 -12.79 -1.65 -10.64
CA PRO A 223 -13.26 -0.74 -9.59
C PRO A 223 -12.75 -1.13 -8.21
N ALA A 224 -12.99 -0.24 -7.24
CA ALA A 224 -12.76 -0.58 -5.84
C ALA A 224 -13.80 -1.60 -5.41
N PRO A 225 -13.59 -2.24 -4.25
CA PRO A 225 -14.55 -3.24 -3.78
C PRO A 225 -15.92 -2.62 -3.53
N PRO A 226 -16.98 -3.44 -3.56
CA PRO A 226 -18.34 -2.93 -3.33
C PRO A 226 -18.45 -2.24 -1.98
N LEU A 227 -19.12 -1.08 -1.94
CA LEU A 227 -19.25 -0.31 -0.71
C LEU A 227 -19.74 -1.16 0.45
N ASP A 228 -20.74 -2.00 0.20
CA ASP A 228 -21.35 -2.80 1.26
C ASP A 228 -20.41 -3.90 1.77
N ALA A 229 -19.60 -4.45 0.87
CA ALA A 229 -18.56 -5.39 1.30
C ALA A 229 -17.57 -4.70 2.24
N VAL A 230 -17.18 -3.48 1.88
CA VAL A 230 -16.22 -2.72 2.70
C VAL A 230 -16.80 -2.45 4.09
N GLU A 231 -18.06 -2.01 4.13
CA GLU A 231 -18.74 -1.76 5.40
C GLU A 231 -18.83 -3.04 6.23
N GLN A 232 -19.07 -4.15 5.55
CA GLN A 232 -19.18 -5.45 6.22
C GLN A 232 -17.85 -5.88 6.85
N ILE A 233 -16.75 -5.63 6.15
CA ILE A 233 -15.42 -6.08 6.57
C ILE A 233 -14.76 -5.17 7.61
N LEU A 234 -15.02 -3.86 7.52
CA LEU A 234 -14.30 -2.89 8.33
C LEU A 234 -14.25 -3.16 9.84
N PRO A 235 -15.40 -3.45 10.46
CA PRO A 235 -15.38 -3.65 11.91
C PRO A 235 -14.40 -4.75 12.32
N THR A 236 -14.32 -5.80 11.52
CA THR A 236 -13.37 -6.88 11.80
C THR A 236 -11.93 -6.40 11.61
N LEU A 237 -11.69 -5.61 10.57
CA LEU A 237 -10.36 -5.02 10.36
C LEU A 237 -9.93 -4.16 11.54
N VAL A 238 -10.87 -3.38 12.07
CA VAL A 238 -10.57 -2.51 13.21
C VAL A 238 -10.12 -3.37 14.40
N ARG A 239 -10.81 -4.47 14.63
CA ARG A 239 -10.43 -5.39 15.69
C ARG A 239 -9.04 -5.97 15.47
N LEU A 240 -8.75 -6.38 14.22
CA LEU A 240 -7.45 -6.95 13.89
C LEU A 240 -6.33 -5.94 14.10
N LEU A 241 -6.66 -4.67 13.87
CA LEU A 241 -5.70 -3.58 14.05
C LEU A 241 -5.27 -3.46 15.51
N HIS A 242 -6.01 -4.10 16.42
CA HIS A 242 -5.67 -4.06 17.84
C HIS A 242 -5.06 -5.38 18.33
N HIS A 243 -4.86 -6.31 17.40
CA HIS A 243 -4.22 -7.58 17.74
C HIS A 243 -2.72 -7.37 17.95
N ASN A 244 -2.05 -8.35 18.55
CA ASN A 244 -0.65 -8.19 18.90
C ASN A 244 0.35 -8.96 18.01
N ASP A 245 -0.13 -9.62 16.97
CA ASP A 245 0.77 -10.30 16.04
C ASP A 245 1.25 -9.35 14.94
N PRO A 246 2.57 -9.23 14.77
CA PRO A 246 3.18 -8.33 13.78
C PRO A 246 2.70 -8.56 12.34
N GLU A 247 2.53 -9.80 11.93
CA GLU A 247 2.09 -10.07 10.56
C GLU A 247 0.62 -9.73 10.36
N VAL A 248 -0.21 -10.04 11.35
CA VAL A 248 -1.61 -9.65 11.32
C VAL A 248 -1.74 -8.12 11.24
N LEU A 249 -0.92 -7.41 12.02
CA LEU A 249 -0.94 -5.95 12.02
C LEU A 249 -0.51 -5.37 10.68
N ALA A 250 0.56 -5.91 10.12
CA ALA A 250 1.06 -5.48 8.83
C ALA A 250 0.00 -5.61 7.73
N ASP A 251 -0.59 -6.80 7.61
CA ASP A 251 -1.59 -7.03 6.58
C ASP A 251 -2.87 -6.22 6.81
N SER A 252 -3.23 -6.03 8.06
CA SER A 252 -4.38 -5.20 8.40
C SER A 252 -4.15 -3.74 7.99
N CYS A 253 -2.94 -3.24 8.25
CA CYS A 253 -2.56 -1.90 7.81
C CYS A 253 -2.55 -1.78 6.29
N TRP A 254 -2.11 -2.83 5.60
CA TRP A 254 -2.21 -2.85 4.14
C TRP A 254 -3.66 -2.81 3.68
N ALA A 255 -4.53 -3.57 4.36
CA ALA A 255 -5.95 -3.55 4.03
C ALA A 255 -6.48 -2.13 4.12
N ILE A 256 -6.20 -1.46 5.23
CA ILE A 256 -6.65 -0.08 5.41
C ILE A 256 -6.03 0.83 4.36
N SER A 257 -4.78 0.56 3.99
CA SER A 257 -4.14 1.30 2.91
C SER A 257 -4.91 1.19 1.59
N TYR A 258 -5.36 -0.01 1.26
CA TYR A 258 -6.12 -0.21 0.03
C TYR A 258 -7.42 0.58 0.10
N LEU A 259 -8.10 0.49 1.24
CA LEU A 259 -9.43 1.07 1.40
C LEU A 259 -9.40 2.59 1.36
N THR A 260 -8.29 3.18 1.80
CA THR A 260 -8.16 4.63 1.82
C THR A 260 -7.55 5.15 0.51
N ASP A 261 -7.27 4.24 -0.40
CA ASP A 261 -6.71 4.60 -1.70
C ASP A 261 -7.81 4.96 -2.70
N GLY A 262 -8.37 6.15 -2.56
CA GLY A 262 -9.46 6.57 -3.42
C GLY A 262 -9.97 7.95 -3.07
N PRO A 263 -11.18 8.28 -3.54
CA PRO A 263 -11.80 9.59 -3.27
C PRO A 263 -12.18 9.74 -1.80
N ASN A 264 -12.50 10.96 -1.39
CA ASN A 264 -12.75 11.28 0.01
C ASN A 264 -13.84 10.42 0.67
N GLU A 265 -14.82 9.99 -0.13
CA GLU A 265 -15.89 9.15 0.41
C GLU A 265 -15.36 7.80 0.91
N ARG A 266 -14.41 7.24 0.18
CA ARG A 266 -13.82 5.97 0.59
C ARG A 266 -12.99 6.18 1.86
N ILE A 267 -12.21 7.25 1.88
CA ILE A 267 -11.43 7.63 3.04
C ILE A 267 -12.32 7.84 4.27
N GLU A 268 -13.47 8.47 4.07
CA GLU A 268 -14.39 8.78 5.17
C GLU A 268 -14.93 7.53 5.86
N MET A 269 -15.19 6.48 5.08
CA MET A 269 -15.68 5.22 5.62
C MET A 269 -14.72 4.67 6.67
N VAL A 270 -13.43 4.84 6.43
CA VAL A 270 -12.40 4.36 7.35
C VAL A 270 -12.27 5.27 8.55
N VAL A 271 -12.15 6.56 8.29
CA VAL A 271 -11.96 7.54 9.36
C VAL A 271 -13.11 7.52 10.37
N LYS A 272 -14.33 7.34 9.89
CA LYS A 272 -15.49 7.35 10.79
C LYS A 272 -15.50 6.14 11.72
N LYS A 273 -14.70 5.12 11.40
CA LYS A 273 -14.57 3.96 12.27
C LYS A 273 -13.70 4.30 13.48
N GLY A 274 -13.05 5.46 13.44
CA GLY A 274 -12.22 5.91 14.55
C GLY A 274 -10.86 5.22 14.65
N VAL A 275 -10.37 4.71 13.53
CA VAL A 275 -9.11 3.96 13.55
C VAL A 275 -7.87 4.84 13.51
N VAL A 276 -8.02 6.13 13.23
CA VAL A 276 -6.86 6.97 13.00
C VAL A 276 -5.85 6.95 14.15
N PRO A 277 -6.34 7.10 15.40
CA PRO A 277 -5.41 7.04 16.53
C PRO A 277 -4.64 5.73 16.62
N GLN A 278 -5.28 4.61 16.29
CA GLN A 278 -4.58 3.34 16.32
C GLN A 278 -3.53 3.25 15.20
N LEU A 279 -3.84 3.81 14.04
CA LEU A 279 -2.88 3.91 12.95
C LEU A 279 -1.67 4.76 13.37
N VAL A 280 -1.94 5.86 14.06
CA VAL A 280 -0.85 6.72 14.54
C VAL A 280 0.03 5.97 15.52
N LYS A 281 -0.59 5.24 16.44
CA LYS A 281 0.16 4.38 17.35
C LYS A 281 1.05 3.41 16.56
N LEU A 282 0.49 2.78 15.53
CA LEU A 282 1.25 1.81 14.73
C LEU A 282 2.39 2.46 13.95
N LEU A 283 2.30 3.76 13.70
CA LEU A 283 3.40 4.52 13.10
C LEU A 283 4.67 4.38 13.92
N GLY A 284 4.52 4.17 15.22
CA GLY A 284 5.66 4.08 16.12
C GLY A 284 6.14 2.67 16.38
N ALA A 285 5.56 1.69 15.70
CA ALA A 285 5.97 0.30 15.91
C ALA A 285 7.45 0.11 15.55
N THR A 286 8.09 -0.87 16.19
CA THR A 286 9.49 -1.14 15.88
C THR A 286 9.63 -1.96 14.60
N GLU A 287 8.59 -2.71 14.26
CA GLU A 287 8.60 -3.50 13.04
C GLU A 287 8.35 -2.62 11.81
N LEU A 288 9.36 -2.49 10.95
CA LEU A 288 9.24 -1.65 9.76
C LEU A 288 8.14 -2.14 8.80
N PRO A 289 7.91 -3.46 8.76
CA PRO A 289 6.79 -3.98 7.94
C PRO A 289 5.43 -3.53 8.47
N ILE A 290 5.38 -3.02 9.69
CA ILE A 290 4.15 -2.42 10.22
C ILE A 290 4.11 -0.93 9.90
N VAL A 291 5.24 -0.24 10.11
CA VAL A 291 5.32 1.19 9.87
C VAL A 291 5.00 1.54 8.42
N THR A 292 5.50 0.75 7.49
CA THR A 292 5.32 1.05 6.07
C THR A 292 3.85 1.20 5.67
N PRO A 293 3.02 0.17 5.92
CA PRO A 293 1.60 0.29 5.59
C PRO A 293 0.81 1.22 6.54
N ALA A 294 1.23 1.33 7.79
CA ALA A 294 0.59 2.28 8.69
C ALA A 294 0.75 3.70 8.16
N LEU A 295 1.97 4.02 7.73
CA LEU A 295 2.26 5.33 7.16
C LEU A 295 1.60 5.54 5.80
N ARG A 296 1.52 4.48 4.99
CA ARG A 296 0.83 4.57 3.71
C ARG A 296 -0.64 4.95 3.93
N ALA A 297 -1.29 4.30 4.90
CA ALA A 297 -2.69 4.57 5.20
C ALA A 297 -2.87 6.03 5.68
N ILE A 298 -2.00 6.45 6.58
CA ILE A 298 -2.04 7.81 7.10
C ILE A 298 -1.85 8.81 5.96
N GLY A 299 -0.87 8.54 5.10
CA GLY A 299 -0.64 9.36 3.93
C GLY A 299 -1.85 9.42 3.01
N ASN A 300 -2.50 8.28 2.79
CA ASN A 300 -3.70 8.25 1.97
C ASN A 300 -4.80 9.13 2.56
N ILE A 301 -4.93 9.10 3.88
CA ILE A 301 -5.97 9.86 4.54
C ILE A 301 -5.76 11.37 4.37
N VAL A 302 -4.52 11.85 4.44
CA VAL A 302 -4.27 13.27 4.29
C VAL A 302 -4.34 13.76 2.83
N THR A 303 -4.60 12.87 1.88
CA THR A 303 -4.91 13.30 0.52
C THR A 303 -6.37 13.70 0.42
N GLY A 304 -7.11 13.51 1.51
CA GLY A 304 -8.53 13.82 1.55
C GLY A 304 -8.80 15.27 1.85
N THR A 305 -9.92 15.55 2.51
CA THR A 305 -10.31 16.92 2.83
C THR A 305 -9.45 17.49 3.95
N ASP A 306 -9.63 18.78 4.22
CA ASP A 306 -8.94 19.44 5.32
C ASP A 306 -9.35 18.82 6.65
N GLU A 307 -10.62 18.45 6.77
CA GLU A 307 -11.15 17.86 8.00
C GLU A 307 -10.61 16.43 8.24
N GLN A 308 -10.50 15.64 7.18
CA GLN A 308 -9.92 14.31 7.31
C GLN A 308 -8.44 14.43 7.68
N THR A 309 -7.77 15.40 7.05
CA THR A 309 -6.38 15.68 7.35
C THR A 309 -6.20 16.10 8.82
N GLN A 310 -7.15 16.90 9.32
CA GLN A 310 -7.08 17.39 10.70
C GLN A 310 -7.18 16.26 11.72
N LYS A 311 -7.95 15.23 11.40
CA LYS A 311 -8.08 14.07 12.29
C LYS A 311 -6.72 13.43 12.50
N VAL A 312 -5.95 13.34 11.42
CA VAL A 312 -4.61 12.78 11.51
C VAL A 312 -3.74 13.64 12.44
N ILE A 313 -3.82 14.96 12.28
CA ILE A 313 -3.06 15.85 13.14
C ILE A 313 -3.52 15.79 14.60
N ASP A 314 -4.84 15.82 14.80
CA ASP A 314 -5.40 15.77 16.16
C ASP A 314 -5.00 14.51 16.89
N ALA A 315 -4.78 13.43 16.13
CA ALA A 315 -4.42 12.15 16.73
C ALA A 315 -2.95 12.11 17.13
N GLY A 316 -2.21 13.15 16.79
CA GLY A 316 -0.83 13.28 17.23
C GLY A 316 0.22 12.75 16.26
N ALA A 317 -0.18 12.56 15.01
CA ALA A 317 0.71 11.97 14.01
C ALA A 317 2.03 12.73 13.84
N LEU A 318 1.97 14.05 13.90
CA LEU A 318 3.13 14.89 13.61
C LEU A 318 4.32 14.64 14.54
N ALA A 319 4.04 14.22 15.77
CA ALA A 319 5.08 13.98 16.76
C ALA A 319 5.99 12.82 16.37
N VAL A 320 5.54 11.99 15.43
CA VAL A 320 6.32 10.84 15.01
C VAL A 320 7.22 11.17 13.81
N PHE A 321 7.00 12.32 13.20
CA PHE A 321 7.69 12.64 11.96
C PHE A 321 9.18 12.96 12.08
N PRO A 322 9.63 13.45 13.24
CA PRO A 322 11.08 13.60 13.36
C PRO A 322 11.79 12.28 13.06
N SER A 323 11.26 11.17 13.58
CA SER A 323 11.82 9.84 13.29
C SER A 323 11.54 9.36 11.87
N LEU A 324 10.31 9.52 11.40
CA LEU A 324 9.93 9.04 10.06
C LEU A 324 10.74 9.76 8.98
N LEU A 325 10.93 11.06 9.16
CA LEU A 325 11.65 11.85 8.16
C LEU A 325 13.17 11.61 8.19
N THR A 326 13.64 10.86 9.18
CA THR A 326 15.05 10.46 9.22
C THR A 326 15.19 8.94 9.21
N ASN A 327 14.11 8.24 8.89
CA ASN A 327 14.10 6.78 8.91
C ASN A 327 15.12 6.20 7.93
N PRO A 328 15.91 5.22 8.39
CA PRO A 328 16.94 4.62 7.54
C PRO A 328 16.38 3.85 6.34
N LYS A 329 15.11 3.46 6.41
CA LYS A 329 14.48 2.81 5.26
C LYS A 329 14.01 3.86 4.25
N THR A 330 14.63 3.87 3.08
CA THR A 330 14.36 4.86 2.05
C THR A 330 12.87 5.07 1.73
N ASN A 331 12.13 3.98 1.56
CA ASN A 331 10.73 4.07 1.20
C ASN A 331 9.86 4.72 2.28
N ILE A 332 10.21 4.50 3.54
CA ILE A 332 9.49 5.12 4.64
C ILE A 332 9.74 6.62 4.65
N GLN A 333 10.99 7.01 4.45
CA GLN A 333 11.36 8.42 4.40
C GLN A 333 10.62 9.10 3.24
N LYS A 334 10.53 8.39 2.12
CA LYS A 334 9.84 8.91 0.95
C LYS A 334 8.36 9.17 1.22
N GLU A 335 7.66 8.18 1.76
CA GLU A 335 6.22 8.35 1.99
C GLU A 335 5.95 9.28 3.17
N ALA A 336 6.91 9.39 4.08
CA ALA A 336 6.80 10.37 5.16
C ALA A 336 6.88 11.78 4.59
N THR A 337 7.78 11.98 3.64
CA THR A 337 7.95 13.30 3.04
C THR A 337 6.76 13.62 2.12
N TRP A 338 6.26 12.60 1.44
CA TRP A 338 5.05 12.73 0.63
C TRP A 338 3.88 13.17 1.50
N THR A 339 3.73 12.52 2.65
CA THR A 339 2.67 12.85 3.60
C THR A 339 2.79 14.30 4.07
N MET A 340 4.00 14.71 4.42
CA MET A 340 4.26 16.10 4.79
C MET A 340 3.84 17.09 3.72
N SER A 341 4.13 16.78 2.45
CA SER A 341 3.79 17.69 1.35
C SER A 341 2.28 17.87 1.19
N ASN A 342 1.51 16.83 1.51
CA ASN A 342 0.07 16.94 1.43
C ASN A 342 -0.52 17.69 2.63
N ILE A 343 0.19 17.62 3.75
CA ILE A 343 -0.19 18.40 4.93
C ILE A 343 0.17 19.87 4.75
N THR A 344 1.31 20.16 4.13
CA THR A 344 1.66 21.55 3.86
C THR A 344 0.82 22.13 2.73
N ALA A 345 0.00 21.28 2.10
CA ALA A 345 -0.95 21.73 1.08
C ALA A 345 -2.29 22.02 1.73
N GLY A 346 -2.36 21.87 3.05
CA GLY A 346 -3.59 22.10 3.78
C GLY A 346 -3.78 23.55 4.18
N ARG A 347 -4.56 23.77 5.24
CA ARG A 347 -4.85 25.12 5.72
C ARG A 347 -3.64 25.74 6.43
N GLN A 348 -3.69 27.05 6.62
CA GLN A 348 -2.60 27.76 7.29
C GLN A 348 -2.40 27.32 8.73
N ASP A 349 -3.50 26.97 9.40
CA ASP A 349 -3.41 26.47 10.77
C ASP A 349 -2.79 25.08 10.81
N GLN A 350 -2.88 24.37 9.68
CA GLN A 350 -2.27 23.03 9.59
C GLN A 350 -0.78 23.14 9.27
N ILE A 351 -0.44 24.08 8.41
CA ILE A 351 0.97 24.42 8.20
C ILE A 351 1.59 24.85 9.52
N GLN A 352 0.83 25.60 10.33
CA GLN A 352 1.34 26.08 11.62
C GLN A 352 1.64 24.92 12.57
N GLN A 353 0.86 23.86 12.50
CA GLN A 353 1.14 22.68 13.33
C GLN A 353 2.45 22.04 12.90
N VAL A 354 2.68 21.99 11.59
CA VAL A 354 3.96 21.53 11.06
C VAL A 354 5.10 22.35 11.68
N VAL A 355 4.94 23.67 11.69
CA VAL A 355 5.92 24.56 12.29
C VAL A 355 6.11 24.27 13.78
N ASN A 356 5.00 24.20 14.53
CA ASN A 356 5.07 23.98 15.98
C ASN A 356 5.77 22.68 16.38
N HIS A 357 5.54 21.61 15.61
CA HIS A 357 6.18 20.32 15.88
C HIS A 357 7.65 20.29 15.45
N GLY A 358 8.16 21.43 14.99
CA GLY A 358 9.55 21.55 14.61
C GLY A 358 9.93 20.75 13.38
N LEU A 359 8.99 20.59 12.44
CA LEU A 359 9.21 19.73 11.29
C LEU A 359 9.84 20.45 10.10
N VAL A 360 9.89 21.78 10.13
CA VAL A 360 10.49 22.52 9.03
C VAL A 360 11.99 22.20 8.90
N PRO A 361 12.72 22.21 10.01
CA PRO A 361 14.14 21.82 9.93
C PRO A 361 14.31 20.41 9.38
N PHE A 362 13.38 19.51 9.66
CA PHE A 362 13.45 18.15 9.12
C PHE A 362 13.24 18.14 7.61
N LEU A 363 12.37 19.03 7.12
CA LEU A 363 12.19 19.18 5.67
C LEU A 363 13.42 19.80 5.01
N VAL A 364 14.05 20.76 5.68
CA VAL A 364 15.31 21.30 5.18
C VAL A 364 16.34 20.18 5.10
N GLY A 365 16.37 19.34 6.13
CA GLY A 365 17.27 18.20 6.18
C GLY A 365 17.06 17.25 5.01
N VAL A 366 15.81 16.86 4.78
CA VAL A 366 15.51 15.94 3.68
C VAL A 366 15.86 16.57 2.33
N LEU A 367 15.56 17.86 2.18
CA LEU A 367 15.89 18.58 0.96
C LEU A 367 17.41 18.62 0.74
N SER A 368 18.15 18.74 1.83
CA SER A 368 19.62 18.81 1.77
C SER A 368 20.24 17.46 1.39
N LYS A 369 19.71 16.38 1.95
CA LYS A 369 20.26 15.07 1.69
C LYS A 369 19.24 13.97 1.89
N ALA A 370 18.99 13.21 0.83
CA ALA A 370 18.06 12.11 0.86
C ALA A 370 18.12 11.46 -0.50
N ASP A 371 17.46 10.33 -0.64
CA ASP A 371 17.27 9.74 -1.95
C ASP A 371 16.57 10.76 -2.84
N PHE A 372 16.91 10.79 -4.13
CA PHE A 372 16.35 11.82 -5.00
C PHE A 372 14.83 11.87 -5.01
N LYS A 373 14.18 10.70 -5.04
CA LYS A 373 12.73 10.65 -5.03
C LYS A 373 12.17 11.33 -3.79
N THR A 374 12.86 11.17 -2.66
CA THR A 374 12.44 11.79 -1.40
C THR A 374 12.64 13.31 -1.46
N GLN A 375 13.77 13.74 -2.01
CA GLN A 375 14.06 15.17 -2.16
C GLN A 375 13.00 15.85 -3.03
N LYS A 376 12.52 15.12 -4.04
CA LYS A 376 11.50 15.65 -4.92
C LYS A 376 10.19 15.87 -4.17
N GLU A 377 9.84 14.94 -3.30
CA GLU A 377 8.68 15.11 -2.42
C GLU A 377 8.89 16.28 -1.47
N ALA A 378 10.14 16.46 -1.03
CA ALA A 378 10.45 17.59 -0.14
C ALA A 378 10.28 18.91 -0.89
N ALA A 379 10.70 18.93 -2.15
CA ALA A 379 10.53 20.10 -3.00
C ALA A 379 9.04 20.44 -3.09
N TRP A 380 8.22 19.43 -3.34
CA TRP A 380 6.77 19.62 -3.37
C TRP A 380 6.25 20.15 -2.04
N ALA A 381 6.75 19.61 -0.94
CA ALA A 381 6.31 20.05 0.37
C ALA A 381 6.58 21.54 0.55
N ILE A 382 7.74 21.98 0.08
CA ILE A 382 8.13 23.39 0.20
C ILE A 382 7.30 24.30 -0.70
N THR A 383 7.08 23.87 -1.94
CA THR A 383 6.25 24.66 -2.84
C THR A 383 4.81 24.79 -2.33
N ASN A 384 4.26 23.71 -1.80
CA ASN A 384 2.92 23.78 -1.21
C ASN A 384 2.90 24.75 -0.03
N TYR A 385 3.86 24.58 0.86
CA TYR A 385 4.05 25.46 2.01
C TYR A 385 4.06 26.94 1.58
N THR A 386 4.95 27.28 0.65
CA THR A 386 5.10 28.65 0.19
C THR A 386 3.86 29.15 -0.55
N SER A 387 3.10 28.22 -1.12
CA SER A 387 1.90 28.56 -1.88
C SER A 387 0.73 28.89 -0.98
N GLY A 388 0.58 28.13 0.11
CA GLY A 388 -0.58 28.28 0.98
C GLY A 388 -0.30 28.95 2.30
N GLY A 389 0.97 29.23 2.58
CA GLY A 389 1.37 29.77 3.87
C GLY A 389 1.29 31.27 3.99
N THR A 390 1.33 31.77 5.23
CA THR A 390 1.37 33.21 5.48
C THR A 390 2.79 33.72 5.26
N VAL A 391 2.90 35.04 5.10
CA VAL A 391 4.20 35.67 5.00
C VAL A 391 5.09 35.28 6.19
N GLU A 392 4.52 35.32 7.39
CA GLU A 392 5.28 34.98 8.59
C GLU A 392 5.81 33.55 8.51
N GLN A 393 4.96 32.63 8.06
CA GLN A 393 5.37 31.23 7.92
C GLN A 393 6.48 31.10 6.90
N ILE A 394 6.39 31.88 5.83
CA ILE A 394 7.41 31.84 4.78
C ILE A 394 8.73 32.45 5.26
N VAL A 395 8.65 33.52 6.03
CA VAL A 395 9.83 34.10 6.66
C VAL A 395 10.54 33.03 7.51
N TYR A 396 9.76 32.32 8.32
CA TYR A 396 10.29 31.28 9.20
C TYR A 396 11.01 30.20 8.39
N LEU A 397 10.42 29.82 7.26
CA LEU A 397 11.00 28.82 6.38
C LEU A 397 12.41 29.23 5.92
N VAL A 398 12.53 30.44 5.41
CA VAL A 398 13.82 30.94 4.94
C VAL A 398 14.84 30.99 6.09
N HIS A 399 14.37 31.37 7.27
CA HIS A 399 15.24 31.46 8.44
C HIS A 399 15.76 30.08 8.83
N CYS A 400 15.02 29.04 8.45
CA CYS A 400 15.42 27.67 8.76
C CYS A 400 16.50 27.15 7.81
N GLY A 401 16.74 27.90 6.73
CA GLY A 401 17.82 27.58 5.80
C GLY A 401 17.38 26.87 4.52
N ILE A 402 16.14 27.09 4.11
CA ILE A 402 15.61 26.41 2.92
C ILE A 402 16.31 26.80 1.62
N ILE A 403 16.81 28.02 1.54
CA ILE A 403 17.28 28.56 0.27
C ILE A 403 18.43 27.75 -0.37
N GLU A 404 19.48 27.50 0.39
CA GLU A 404 20.65 26.82 -0.19
C GLU A 404 20.32 25.44 -0.76
N PRO A 405 19.68 24.57 0.04
CA PRO A 405 19.36 23.24 -0.50
C PRO A 405 18.36 23.29 -1.65
N LEU A 406 17.53 24.33 -1.70
CA LEU A 406 16.67 24.53 -2.87
C LEU A 406 17.50 24.78 -4.12
N MET A 407 18.45 25.73 -4.01
CA MET A 407 19.27 26.11 -5.15
C MET A 407 20.14 24.95 -5.61
N ASN A 408 20.69 24.20 -4.67
CA ASN A 408 21.54 23.06 -5.00
C ASN A 408 20.81 22.04 -5.87
N LEU A 409 19.51 21.92 -5.67
CA LEU A 409 18.72 20.93 -6.39
C LEU A 409 18.40 21.35 -7.82
N LEU A 410 18.61 22.63 -8.13
CA LEU A 410 18.42 23.10 -9.50
C LEU A 410 19.41 22.42 -10.45
N SER A 411 20.45 21.83 -9.88
CA SER A 411 21.47 21.13 -10.66
C SER A 411 20.96 19.78 -11.19
N ALA A 412 19.85 19.31 -10.64
CA ALA A 412 19.32 18.01 -11.02
C ALA A 412 18.68 18.04 -12.41
N LYS A 413 18.79 16.95 -13.15
CA LYS A 413 18.05 16.85 -14.41
C LYS A 413 16.79 16.04 -14.25
N ASP A 414 15.82 16.65 -13.57
CA ASP A 414 14.45 16.20 -13.58
C ASP A 414 13.68 17.49 -13.81
N THR A 415 12.99 17.58 -14.94
CA THR A 415 12.38 18.83 -15.34
C THR A 415 11.29 19.26 -14.36
N LYS A 416 10.60 18.28 -13.78
CA LYS A 416 9.50 18.58 -12.86
C LYS A 416 9.99 19.23 -11.56
N ILE A 417 11.03 18.68 -10.96
CA ILE A 417 11.52 19.23 -9.70
C ILE A 417 12.03 20.66 -9.91
N ILE A 418 12.62 20.92 -11.07
CA ILE A 418 13.11 22.27 -11.37
C ILE A 418 11.92 23.23 -11.43
N GLN A 419 10.84 22.80 -12.07
CA GLN A 419 9.61 23.59 -12.12
C GLN A 419 9.07 23.84 -10.71
N VAL A 420 9.03 22.79 -9.91
CA VAL A 420 8.55 22.88 -8.54
C VAL A 420 9.38 23.89 -7.73
N ILE A 421 10.70 23.80 -7.86
CA ILE A 421 11.60 24.68 -7.13
C ILE A 421 11.47 26.14 -7.58
N LEU A 422 11.41 26.35 -8.89
CA LEU A 422 11.25 27.70 -9.43
C LEU A 422 9.94 28.32 -8.93
N ASP A 423 8.88 27.53 -8.91
CA ASP A 423 7.61 27.99 -8.37
C ASP A 423 7.74 28.37 -6.89
N ALA A 424 8.50 27.58 -6.14
CA ALA A 424 8.69 27.87 -4.73
C ALA A 424 9.42 29.20 -4.53
N ILE A 425 10.45 29.42 -5.34
CA ILE A 425 11.24 30.65 -5.26
C ILE A 425 10.41 31.88 -5.61
N SER A 426 9.55 31.76 -6.62
CA SER A 426 8.63 32.83 -6.97
C SER A 426 7.72 33.14 -5.79
N ASN A 427 7.20 32.09 -5.17
CA ASN A 427 6.34 32.25 -3.99
C ASN A 427 7.06 33.01 -2.88
N ILE A 428 8.32 32.63 -2.65
CA ILE A 428 9.11 33.27 -1.61
C ILE A 428 9.39 34.73 -1.96
N PHE A 429 9.64 35.00 -3.24
CA PHE A 429 9.88 36.38 -3.68
C PHE A 429 8.64 37.23 -3.47
N GLN A 430 7.47 36.68 -3.79
CA GLN A 430 6.22 37.38 -3.56
C GLN A 430 6.10 37.80 -2.09
N ALA A 431 6.54 36.93 -1.20
CA ALA A 431 6.49 37.22 0.23
C ALA A 431 7.48 38.32 0.58
N ALA A 432 8.66 38.28 -0.05
CA ALA A 432 9.68 39.29 0.20
C ALA A 432 9.23 40.65 -0.32
N GLU A 433 8.48 40.64 -1.42
CA GLU A 433 7.93 41.87 -1.99
C GLU A 433 7.06 42.58 -0.97
N LYS A 434 6.18 41.83 -0.32
CA LYS A 434 5.30 42.41 0.69
C LYS A 434 6.10 42.97 1.86
N LEU A 435 7.36 42.57 1.96
CA LEU A 435 8.24 43.04 3.02
C LEU A 435 9.25 44.06 2.50
N GLY A 436 9.29 44.23 1.17
CA GLY A 436 10.30 45.07 0.56
C GLY A 436 11.69 44.54 0.84
N GLU A 437 11.77 43.23 1.07
CA GLU A 437 13.04 42.59 1.38
C GLU A 437 13.53 41.74 0.21
N THR A 438 12.99 42.01 -0.98
CA THR A 438 13.35 41.22 -2.15
C THR A 438 14.84 41.32 -2.47
N GLU A 439 15.49 42.35 -1.94
CA GLU A 439 16.92 42.53 -2.17
C GLU A 439 17.75 41.60 -1.29
N LYS A 440 17.33 41.46 -0.03
CA LYS A 440 17.98 40.51 0.87
C LYS A 440 17.91 39.11 0.26
N LEU A 441 16.76 38.78 -0.32
CA LEU A 441 16.55 37.46 -0.90
C LEU A 441 17.43 37.22 -2.13
N SER A 442 17.49 38.21 -3.01
CA SER A 442 18.29 38.11 -4.22
C SER A 442 19.75 37.84 -3.86
N ILE A 443 20.24 38.55 -2.85
CA ILE A 443 21.60 38.36 -2.35
C ILE A 443 21.79 36.94 -1.79
N MET A 444 20.85 36.48 -0.99
CA MET A 444 20.90 35.13 -0.45
C MET A 444 21.09 34.10 -1.57
N ILE A 445 20.28 34.25 -2.61
CA ILE A 445 20.25 33.29 -3.71
C ILE A 445 21.54 33.31 -4.52
N GLU A 446 22.13 34.49 -4.66
CA GLU A 446 23.36 34.64 -5.43
C GLU A 446 24.57 34.12 -4.66
N GLU A 447 24.55 34.29 -3.34
CA GLU A 447 25.68 33.92 -2.51
C GLU A 447 25.89 32.42 -2.41
N CYS A 448 24.80 31.66 -2.50
CA CYS A 448 24.90 30.19 -2.46
C CYS A 448 24.96 29.60 -3.87
N GLY A 449 25.11 30.47 -4.86
CA GLY A 449 25.30 30.03 -6.23
C GLY A 449 24.02 29.75 -6.99
N GLY A 450 22.90 30.21 -6.46
CA GLY A 450 21.61 30.00 -7.08
C GLY A 450 21.42 30.82 -8.34
N LEU A 451 21.91 32.06 -8.32
CA LEU A 451 21.80 32.95 -9.46
C LEU A 451 22.41 32.31 -10.71
N ASP A 452 23.64 31.82 -10.57
CA ASP A 452 24.33 31.15 -11.66
C ASP A 452 23.46 30.03 -12.25
N LYS A 453 22.84 29.25 -11.38
CA LYS A 453 22.01 28.14 -11.82
C LYS A 453 20.73 28.62 -12.52
N ILE A 454 20.10 29.63 -11.94
CA ILE A 454 18.85 30.16 -12.50
C ILE A 454 19.09 30.80 -13.87
N GLU A 455 20.23 31.48 -14.00
CA GLU A 455 20.58 32.14 -15.26
C GLU A 455 20.74 31.12 -16.37
N ALA A 456 21.40 30.01 -16.07
CA ALA A 456 21.64 28.96 -17.05
C ALA A 456 20.33 28.28 -17.47
N LEU A 457 19.35 28.30 -16.57
CA LEU A 457 18.05 27.71 -16.84
C LEU A 457 17.24 28.55 -17.83
N GLN A 458 17.72 29.76 -18.09
CA GLN A 458 17.13 30.60 -19.13
C GLN A 458 17.30 29.92 -20.48
N ARG A 459 18.36 29.13 -20.61
CA ARG A 459 18.65 28.41 -21.84
C ARG A 459 18.10 27.00 -21.82
N HIS A 460 17.30 26.69 -20.80
CA HIS A 460 16.78 25.34 -20.62
C HIS A 460 15.90 24.89 -21.79
N GLU A 461 15.98 23.60 -22.11
CA GLU A 461 15.17 23.01 -23.17
C GLU A 461 13.68 23.23 -22.93
N ASN A 462 13.25 23.03 -21.69
CA ASN A 462 11.83 23.01 -21.35
C ASN A 462 11.17 24.39 -21.43
N GLU A 463 9.87 24.40 -21.75
CA GLU A 463 9.12 25.64 -21.90
C GLU A 463 8.97 26.42 -20.59
N SER A 464 8.14 25.89 -19.70
CA SER A 464 7.81 26.58 -18.47
C SER A 464 9.06 26.96 -17.70
N VAL A 465 10.11 26.16 -17.84
CA VAL A 465 11.35 26.35 -17.11
C VAL A 465 12.07 27.65 -17.49
N TYR A 466 12.54 27.73 -18.72
CA TYR A 466 13.31 28.89 -19.14
C TYR A 466 12.48 30.18 -19.10
N LYS A 467 11.16 30.03 -19.23
CA LYS A 467 10.27 31.17 -19.05
C LYS A 467 10.35 31.71 -17.63
N ALA A 468 9.94 30.88 -16.67
CA ALA A 468 9.88 31.27 -15.26
C ALA A 468 11.24 31.71 -14.75
N SER A 469 12.30 31.05 -15.20
CA SER A 469 13.66 31.45 -14.83
C SER A 469 13.98 32.83 -15.40
N LEU A 470 13.36 33.17 -16.53
CA LEU A 470 13.54 34.48 -17.15
C LEU A 470 12.80 35.56 -16.34
N ASN A 471 11.56 35.27 -15.95
CA ASN A 471 10.79 36.21 -15.14
C ASN A 471 11.53 36.53 -13.85
N LEU A 472 12.16 35.52 -13.27
CA LEU A 472 12.92 35.70 -12.03
C LEU A 472 14.10 36.66 -12.22
N ILE A 473 14.93 36.38 -13.22
CA ILE A 473 16.10 37.20 -13.48
C ILE A 473 15.72 38.62 -13.89
N GLU A 474 14.85 38.73 -14.88
CA GLU A 474 14.35 40.02 -15.32
C GLU A 474 13.79 40.83 -14.15
N LYS A 475 13.12 40.13 -13.23
CA LYS A 475 12.29 40.79 -12.23
C LYS A 475 13.02 41.16 -10.95
N TYR A 476 13.90 40.29 -10.48
CA TYR A 476 14.56 40.52 -9.19
C TYR A 476 16.08 40.55 -9.29
N PHE A 477 16.62 40.24 -10.46
CA PHE A 477 18.07 40.11 -10.60
C PHE A 477 18.72 41.13 -11.54
N SER A 478 17.93 42.07 -12.06
CA SER A 478 18.50 43.09 -12.93
C SER A 478 17.99 44.49 -12.56
N PRO B 7 -2.61 25.11 -3.56
CA PRO B 7 -1.77 23.94 -3.85
C PRO B 7 -2.57 22.64 -3.84
N ARG B 8 -2.29 21.77 -4.80
CA ARG B 8 -3.02 20.52 -4.95
C ARG B 8 -2.45 19.40 -4.08
N LYS B 9 -3.31 18.49 -3.64
CA LYS B 9 -2.84 17.27 -2.99
C LYS B 9 -2.53 16.22 -4.05
N ARG B 10 -1.48 15.42 -3.81
CA ARG B 10 -0.96 14.53 -4.84
C ARG B 10 -0.89 13.09 -4.38
N PRO B 11 -0.98 12.16 -5.32
CA PRO B 11 -0.80 10.73 -5.04
C PRO B 11 0.67 10.37 -4.97
N LEU B 12 0.97 9.15 -4.52
CA LEU B 12 2.33 8.64 -4.48
C LEU B 12 2.34 7.25 -5.10
N GLU B 13 3.36 6.98 -5.93
CA GLU B 13 3.52 5.67 -6.52
C GLU B 13 3.54 4.57 -5.45
N TRP B 14 3.09 3.38 -5.81
CA TRP B 14 3.08 2.24 -4.91
C TRP B 14 4.23 1.28 -5.23
N ASP B 15 5.18 1.17 -4.30
CA ASP B 15 6.25 0.19 -4.45
C ASP B 15 5.71 -1.21 -4.13
N GLU B 16 5.47 -1.98 -5.20
CA GLU B 16 4.80 -3.27 -5.08
C GLU B 16 5.54 -4.26 -4.20
N ASP B 17 6.87 -4.15 -4.17
CA ASP B 17 7.70 -5.07 -3.40
C ASP B 17 7.50 -4.88 -1.88
N GLU B 18 6.82 -3.81 -1.48
CA GLU B 18 6.56 -3.56 -0.07
C GLU B 18 5.29 -4.27 0.40
N GLU B 19 4.42 -4.61 -0.55
CA GLU B 19 3.07 -5.08 -0.25
C GLU B 19 3.00 -6.59 0.01
N PRO B 20 1.91 -7.03 0.66
CA PRO B 20 1.75 -8.49 0.80
C PRO B 20 1.66 -9.11 -0.58
N PRO B 21 1.99 -10.40 -0.69
CA PRO B 21 1.88 -11.06 -1.99
C PRO B 21 0.43 -11.06 -2.47
N ARG B 22 0.22 -11.03 -3.78
CA ARG B 22 -1.12 -11.13 -4.35
C ARG B 22 -1.59 -12.57 -4.31
N LYS B 23 -0.65 -13.49 -4.49
CA LYS B 23 -0.94 -14.91 -4.48
C LYS B 23 0.19 -15.63 -3.76
N ARG B 24 -0.13 -16.75 -3.12
CA ARG B 24 0.86 -17.50 -2.35
C ARG B 24 0.74 -19.00 -2.63
N LYS B 25 1.88 -19.62 -2.91
CA LYS B 25 1.95 -21.07 -3.08
C LYS B 25 2.27 -21.70 -1.73
N ARG B 26 1.54 -22.75 -1.37
CA ARG B 26 1.86 -23.47 -0.13
C ARG B 26 2.96 -24.49 -0.37
N LEU B 27 4.08 -24.32 0.31
CA LEU B 27 5.26 -25.14 0.09
C LEU B 27 5.33 -26.40 0.95
N TRP B 28 4.69 -26.36 2.12
CA TRP B 28 4.69 -27.52 3.01
C TRP B 28 3.65 -27.38 4.10
#